data_2OZP
#
_entry.id   2OZP
#
_cell.length_a   144.957
_cell.length_b   144.957
_cell.length_c   85.128
_cell.angle_alpha   90.000
_cell.angle_beta   90.000
_cell.angle_gamma   120.000
#
_symmetry.space_group_name_H-M   'P 62 2 2'
#
loop_
_entity.id
_entity.type
_entity.pdbx_description
1 polymer 'N-acetyl-gamma-glutamyl-phosphate reductase'
2 non-polymer 'SULFATE ION'
3 non-polymer 'AZIDE ION'
4 water water
#
_entity_poly.entity_id   1
_entity_poly.type   'polypeptide(L)'
_entity_poly.pdbx_seq_one_letter_code
;MTGKKTLSIVGASGYAGGEFLRLALSHPYLEVKQVTSRRFAGEPVHFVHPNLRGRTNLKFVPPEKLEPADILVLALPHGV
FAREFDRYSALAPVLVDLSADFRLKDPELYRRYYGEHPRPDLLGRFVYAVPELYREALKGADWIAGAGCNATATLLGLYP
LLKAGVLKPTPIFVTLLISTSAGGAEASPASHHPERAGSIRVYKPTGHRHTAEVVENLPGRPEVHLTAIATDRVRGIL
(MSE)TAQCFVQDGWSERDVWQAYREAYAGEPFIRLVKQKKGVHRYPDPRFVQGTNYADIGFELEEDTGRLVV(MSE)TA
IDNLVKGTAGHALQALNVR(MSE)GWPETLGLDFPGLHP
;
_entity_poly.pdbx_strand_id   A
#
loop_
_chem_comp.id
_chem_comp.type
_chem_comp.name
_chem_comp.formula
AZI non-polymer 'AZIDE ION' 'N3 -1'
SO4 non-polymer 'SULFATE ION' 'O4 S -2'
#
# COMPACT_ATOMS: atom_id res chain seq x y z
N LYS A 4 -4.52 25.39 2.54
CA LYS A 4 -4.04 24.73 1.28
C LYS A 4 -2.51 24.64 1.30
N LYS A 5 -2.00 23.41 1.44
CA LYS A 5 -0.55 23.17 1.52
C LYS A 5 0.16 22.90 0.21
N THR A 6 1.45 23.22 0.17
CA THR A 6 2.27 22.96 -1.02
C THR A 6 2.88 21.57 -0.87
N LEU A 7 2.93 20.83 -1.97
CA LEU A 7 3.48 19.48 -1.97
C LEU A 7 4.24 19.16 -3.25
N SER A 8 5.43 18.59 -3.10
CA SER A 8 6.25 18.20 -4.24
C SER A 8 6.53 16.70 -4.19
N ILE A 9 6.74 16.09 -5.36
CA ILE A 9 6.97 14.65 -5.43
C ILE A 9 8.32 14.30 -6.07
N VAL A 10 9.11 13.50 -5.37
CA VAL A 10 10.41 13.07 -5.86
C VAL A 10 10.23 11.67 -6.46
N GLY A 11 10.55 11.51 -7.74
CA GLY A 11 10.39 10.22 -8.39
C GLY A 11 8.97 10.13 -8.94
N ALA A 12 8.49 11.24 -9.50
CA ALA A 12 7.14 11.33 -10.03
C ALA A 12 6.93 10.67 -11.40
N SER A 13 8.00 10.17 -11.99
CA SER A 13 7.85 9.52 -13.30
C SER A 13 7.54 8.03 -13.12
N GLY A 14 7.66 7.53 -11.89
CA GLY A 14 7.37 6.14 -11.62
C GLY A 14 5.88 5.90 -11.38
N TYR A 15 5.50 4.64 -11.18
CA TYR A 15 4.08 4.34 -10.96
C TYR A 15 3.61 4.87 -9.60
N ALA A 16 4.36 4.59 -8.53
CA ALA A 16 3.99 5.05 -7.20
C ALA A 16 3.85 6.58 -7.15
N GLY A 17 4.88 7.29 -7.59
CA GLY A 17 4.83 8.74 -7.57
C GLY A 17 3.81 9.32 -8.53
N GLY A 18 3.65 8.68 -9.69
CA GLY A 18 2.68 9.16 -10.66
C GLY A 18 1.26 8.96 -10.18
N GLU A 19 1.04 7.91 -9.41
CA GLU A 19 -0.30 7.66 -8.89
C GLU A 19 -0.60 8.71 -7.83
N PHE A 20 0.40 9.02 -7.00
CA PHE A 20 0.20 10.03 -5.97
C PHE A 20 -0.03 11.38 -6.66
N LEU A 21 0.70 11.63 -7.75
CA LEU A 21 0.52 12.88 -8.51
C LEU A 21 -0.92 13.02 -8.98
N ARG A 22 -1.48 11.93 -9.53
CA ARG A 22 -2.87 11.98 -10.00
C ARG A 22 -3.81 12.34 -8.88
N LEU A 23 -3.67 11.63 -7.76
CA LEU A 23 -4.51 11.84 -6.61
C LEU A 23 -4.39 13.27 -6.06
N ALA A 24 -3.16 13.73 -5.87
CA ALA A 24 -2.93 15.06 -5.32
C ALA A 24 -3.50 16.18 -6.18
N LEU A 25 -3.50 15.97 -7.49
CA LEU A 25 -3.99 16.98 -8.42
C LEU A 25 -5.48 17.29 -8.29
N SER A 26 -6.24 16.39 -7.69
CA SER A 26 -7.66 16.62 -7.52
C SER A 26 -8.03 16.79 -6.04
N HIS A 27 -7.01 17.05 -5.23
CA HIS A 27 -7.21 17.26 -3.80
C HIS A 27 -7.25 18.79 -3.62
N PRO A 28 -8.37 19.32 -3.15
CA PRO A 28 -8.58 20.77 -2.93
C PRO A 28 -7.62 21.49 -2.01
N TYR A 29 -7.06 20.80 -1.02
CA TYR A 29 -6.17 21.47 -0.09
C TYR A 29 -4.69 21.28 -0.38
N LEU A 30 -4.37 20.78 -1.57
CA LEU A 30 -2.97 20.57 -1.93
C LEU A 30 -2.64 21.31 -3.21
N GLU A 31 -1.43 21.86 -3.28
CA GLU A 31 -0.97 22.53 -4.48
C GLU A 31 0.33 21.84 -4.84
N VAL A 32 0.31 21.09 -5.93
CA VAL A 32 1.51 20.38 -6.35
C VAL A 32 2.46 21.41 -6.91
N LYS A 33 3.61 21.54 -6.27
CA LYS A 33 4.62 22.51 -6.70
C LYS A 33 5.56 21.97 -7.74
N GLN A 34 6.38 21.01 -7.33
CA GLN A 34 7.35 20.42 -8.23
C GLN A 34 7.26 18.91 -8.26
N VAL A 35 7.58 18.34 -9.41
CA VAL A 35 7.62 16.88 -9.61
C VAL A 35 8.96 16.65 -10.31
N THR A 36 9.79 15.78 -9.73
CA THR A 36 11.10 15.54 -10.29
C THR A 36 11.31 14.28 -11.11
N SER A 37 12.28 14.37 -12.00
CA SER A 37 12.67 13.28 -12.89
C SER A 37 13.95 13.68 -13.61
N ARG A 38 14.96 12.83 -13.52
CA ARG A 38 16.22 13.10 -14.19
C ARG A 38 16.02 12.78 -15.67
N ARG A 39 15.48 11.60 -15.94
CA ARG A 39 15.25 11.15 -17.30
C ARG A 39 14.27 11.98 -18.12
N PHE A 40 13.15 12.37 -17.52
CA PHE A 40 12.16 13.13 -18.27
C PHE A 40 12.14 14.60 -17.88
N ALA A 41 13.26 15.09 -17.40
CA ALA A 41 13.38 16.48 -17.00
C ALA A 41 13.04 17.39 -18.17
N GLY A 42 12.16 18.35 -17.93
CA GLY A 42 11.77 19.27 -19.00
C GLY A 42 10.53 18.85 -19.76
N GLU A 43 10.19 17.57 -19.66
CA GLU A 43 9.01 17.04 -20.35
C GLU A 43 7.74 17.32 -19.58
N PRO A 44 6.62 17.56 -20.29
CA PRO A 44 5.39 17.78 -19.54
C PRO A 44 5.03 16.43 -18.91
N VAL A 45 4.32 16.44 -17.78
CA VAL A 45 4.02 15.18 -17.11
C VAL A 45 3.18 14.18 -17.91
N HIS A 46 2.33 14.66 -18.81
CA HIS A 46 1.49 13.75 -19.59
C HIS A 46 2.31 12.96 -20.61
N PHE A 47 3.58 13.33 -20.77
CA PHE A 47 4.47 12.64 -21.69
C PHE A 47 4.75 11.25 -21.08
N VAL A 48 4.64 11.17 -19.75
CA VAL A 48 4.86 9.93 -19.02
C VAL A 48 3.54 9.36 -18.52
N HIS A 49 2.62 10.23 -18.10
CA HIS A 49 1.31 9.85 -17.59
C HIS A 49 0.27 10.45 -18.54
N PRO A 50 -0.02 9.76 -19.66
CA PRO A 50 -0.99 10.24 -20.65
C PRO A 50 -2.39 10.55 -20.16
N ASN A 51 -2.80 9.90 -19.08
CA ASN A 51 -4.12 10.15 -18.53
C ASN A 51 -4.24 11.60 -18.05
N LEU A 52 -3.11 12.23 -17.76
CA LEU A 52 -3.11 13.61 -17.26
C LEU A 52 -3.03 14.67 -18.35
N ARG A 53 -3.18 14.25 -19.60
CA ARG A 53 -3.12 15.17 -20.72
C ARG A 53 -4.14 16.29 -20.54
N GLY A 54 -3.68 17.53 -20.68
CA GLY A 54 -4.57 18.68 -20.56
C GLY A 54 -5.10 18.99 -19.17
N ARG A 55 -4.55 18.35 -18.14
CA ARG A 55 -5.01 18.60 -16.79
C ARG A 55 -4.03 19.38 -15.93
N THR A 56 -2.82 19.60 -16.43
CA THR A 56 -1.83 20.32 -15.66
C THR A 56 -0.70 20.85 -16.53
N ASN A 57 -0.10 21.97 -16.14
CA ASN A 57 0.99 22.52 -16.92
C ASN A 57 2.34 22.15 -16.33
N LEU A 58 2.34 21.27 -15.34
CA LEU A 58 3.58 20.85 -14.71
C LEU A 58 4.53 20.12 -15.66
N LYS A 59 5.82 20.34 -15.45
CA LYS A 59 6.85 19.71 -16.23
C LYS A 59 7.85 19.18 -15.22
N PHE A 60 8.42 18.01 -15.49
CA PHE A 60 9.41 17.44 -14.59
C PHE A 60 10.65 18.33 -14.54
N VAL A 61 11.22 18.46 -13.35
CA VAL A 61 12.43 19.25 -13.16
C VAL A 61 13.46 18.31 -12.56
N PRO A 62 14.75 18.60 -12.75
CA PRO A 62 15.75 17.71 -12.16
C PRO A 62 15.65 17.90 -10.66
N PRO A 63 16.01 16.89 -9.87
CA PRO A 63 15.92 17.05 -8.41
C PRO A 63 16.77 18.18 -7.81
N GLU A 64 17.81 18.59 -8.52
CA GLU A 64 18.66 19.67 -8.03
C GLU A 64 17.88 20.99 -7.94
N LYS A 65 16.82 21.10 -8.74
CA LYS A 65 15.99 22.29 -8.77
C LYS A 65 14.92 22.29 -7.70
N LEU A 66 14.95 21.27 -6.87
CA LEU A 66 13.96 21.11 -5.81
C LEU A 66 13.99 22.21 -4.75
N GLU A 67 12.84 22.83 -4.52
CA GLU A 67 12.69 23.90 -3.53
C GLU A 67 11.90 23.39 -2.34
N PRO A 68 12.08 24.00 -1.16
CA PRO A 68 11.36 23.58 0.03
C PRO A 68 9.84 23.65 -0.21
N ALA A 69 9.08 22.88 0.56
CA ALA A 69 7.63 22.89 0.43
C ALA A 69 7.05 22.45 1.76
N ASP A 70 5.73 22.50 1.90
CA ASP A 70 5.09 22.10 3.14
C ASP A 70 5.19 20.58 3.32
N ILE A 71 4.93 19.86 2.24
CA ILE A 71 4.94 18.40 2.24
C ILE A 71 5.79 17.85 1.11
N LEU A 72 6.60 16.85 1.41
CA LEU A 72 7.43 16.26 0.37
C LEU A 72 7.16 14.76 0.29
N VAL A 73 6.77 14.29 -0.89
CA VAL A 73 6.48 12.88 -1.07
C VAL A 73 7.69 12.25 -1.77
N LEU A 74 8.24 11.21 -1.16
CA LEU A 74 9.40 10.53 -1.72
C LEU A 74 8.99 9.21 -2.35
N ALA A 75 9.17 9.09 -3.65
CA ALA A 75 8.83 7.89 -4.40
C ALA A 75 10.06 7.44 -5.18
N LEU A 76 11.17 7.29 -4.48
CA LEU A 76 12.44 6.86 -5.07
C LEU A 76 12.63 5.36 -4.93
N PRO A 77 13.57 4.79 -5.70
CA PRO A 77 13.81 3.34 -5.62
C PRO A 77 14.19 3.02 -4.19
N HIS A 78 13.81 1.84 -3.71
CA HIS A 78 14.12 1.44 -2.35
C HIS A 78 15.60 1.63 -2.04
N GLY A 79 15.87 2.17 -0.85
CA GLY A 79 17.24 2.38 -0.41
C GLY A 79 17.88 3.71 -0.76
N VAL A 80 17.39 4.37 -1.80
CA VAL A 80 17.95 5.64 -2.24
C VAL A 80 17.68 6.81 -1.26
N PHE A 81 16.44 6.95 -0.83
CA PHE A 81 16.09 8.03 0.08
C PHE A 81 16.87 7.91 1.41
N ALA A 82 17.06 6.68 1.89
CA ALA A 82 17.79 6.47 3.13
C ALA A 82 19.24 6.91 3.00
N ARG A 83 19.84 6.71 1.82
CA ARG A 83 21.23 7.10 1.59
C ARG A 83 21.39 8.60 1.44
N GLU A 84 20.32 9.28 1.09
CA GLU A 84 20.37 10.73 0.89
C GLU A 84 19.31 11.40 1.74
N PHE A 85 19.13 10.88 2.95
CA PHE A 85 18.13 11.38 3.86
C PHE A 85 18.22 12.87 4.19
N ASP A 86 19.39 13.31 4.63
CA ASP A 86 19.55 14.71 5.02
C ASP A 86 19.18 15.71 3.94
N ARG A 87 19.51 15.39 2.70
CA ARG A 87 19.20 16.29 1.59
C ARG A 87 17.72 16.53 1.39
N TYR A 88 16.93 15.48 1.42
CA TYR A 88 15.50 15.63 1.20
C TYR A 88 14.73 16.01 2.45
N SER A 89 15.14 15.51 3.62
CA SER A 89 14.41 15.82 4.85
C SER A 89 14.43 17.32 5.18
N ALA A 90 15.40 18.03 4.63
CA ALA A 90 15.50 19.46 4.90
C ALA A 90 14.52 20.30 4.09
N LEU A 91 13.88 19.69 3.10
CA LEU A 91 12.95 20.40 2.22
C LEU A 91 11.55 20.60 2.74
N ALA A 92 11.16 19.81 3.72
CA ALA A 92 9.82 19.94 4.26
C ALA A 92 9.74 19.35 5.64
N PRO A 93 8.86 19.89 6.49
CA PRO A 93 8.72 19.35 7.83
C PRO A 93 7.97 18.02 7.81
N VAL A 94 7.08 17.87 6.82
CA VAL A 94 6.29 16.65 6.68
C VAL A 94 6.82 15.81 5.51
N LEU A 95 7.16 14.56 5.80
CA LEU A 95 7.69 13.66 4.80
C LEU A 95 6.83 12.40 4.65
N VAL A 96 6.43 12.11 3.42
CA VAL A 96 5.64 10.91 3.13
C VAL A 96 6.50 10.04 2.22
N ASP A 97 7.14 9.03 2.79
CA ASP A 97 8.01 8.14 2.03
C ASP A 97 7.29 6.87 1.57
N LEU A 98 7.18 6.69 0.25
CA LEU A 98 6.49 5.52 -0.27
C LEU A 98 7.41 4.30 -0.39
N SER A 99 8.71 4.51 -0.16
CA SER A 99 9.67 3.42 -0.26
C SER A 99 9.59 2.55 0.99
N ALA A 100 10.43 1.52 1.03
CA ALA A 100 10.49 0.63 2.19
C ALA A 100 11.56 1.08 3.18
N ASP A 101 12.28 2.14 2.83
CA ASP A 101 13.38 2.64 3.66
C ASP A 101 13.14 2.86 5.16
N PHE A 102 11.95 3.31 5.53
CA PHE A 102 11.69 3.59 6.94
C PHE A 102 10.40 2.97 7.46
N ARG A 103 10.03 1.82 6.90
CA ARG A 103 8.81 1.12 7.32
C ARG A 103 9.00 0.26 8.57
N LEU A 104 10.20 -0.28 8.73
CA LEU A 104 10.49 -1.19 9.83
C LEU A 104 11.16 -0.55 11.06
N LYS A 105 10.84 -1.09 12.24
CA LYS A 105 11.38 -0.62 13.52
C LYS A 105 12.73 -1.27 13.85
N ASP A 106 12.76 -2.60 13.74
CA ASP A 106 13.94 -3.42 14.03
C ASP A 106 15.01 -3.33 12.94
N PRO A 107 16.15 -2.72 13.26
CA PRO A 107 17.27 -2.56 12.31
C PRO A 107 17.76 -3.87 11.74
N GLU A 108 17.71 -4.92 12.54
CA GLU A 108 18.19 -6.22 12.09
C GLU A 108 17.18 -6.93 11.21
N LEU A 109 15.91 -6.62 11.38
CA LEU A 109 14.90 -7.23 10.55
C LEU A 109 15.05 -6.62 9.16
N TYR A 110 15.36 -5.33 9.11
CA TYR A 110 15.55 -4.63 7.85
C TYR A 110 16.72 -5.25 7.09
N ARG A 111 17.83 -5.45 7.80
CA ARG A 111 19.04 -6.00 7.20
C ARG A 111 18.81 -7.37 6.56
N ARG A 112 18.05 -8.21 7.23
CA ARG A 112 17.75 -9.55 6.71
C ARG A 112 17.11 -9.50 5.33
N TYR A 113 16.26 -8.51 5.09
CA TYR A 113 15.58 -8.40 3.79
C TYR A 113 16.13 -7.33 2.85
N TYR A 114 16.87 -6.36 3.39
CA TYR A 114 17.38 -5.27 2.55
C TYR A 114 18.87 -4.97 2.67
N GLY A 115 19.55 -5.67 3.56
CA GLY A 115 20.96 -5.37 3.75
C GLY A 115 21.01 -4.26 4.80
N GLU A 116 22.21 -3.99 5.33
CA GLU A 116 22.38 -2.98 6.36
C GLU A 116 21.82 -1.60 6.04
N HIS A 117 21.00 -1.08 6.95
CA HIS A 117 20.41 0.24 6.80
C HIS A 117 21.51 1.25 7.09
N PRO A 118 21.59 2.32 6.28
CA PRO A 118 22.62 3.35 6.48
C PRO A 118 22.37 4.31 7.65
N ARG A 119 21.10 4.47 8.03
CA ARG A 119 20.71 5.36 9.13
C ARG A 119 19.77 4.60 10.08
N PRO A 120 20.27 3.52 10.71
CA PRO A 120 19.49 2.70 11.63
C PRO A 120 18.81 3.39 12.81
N ASP A 121 19.41 4.43 13.36
CA ASP A 121 18.78 5.11 14.48
C ASP A 121 17.51 5.83 14.05
N LEU A 122 17.33 6.02 12.74
CA LEU A 122 16.14 6.69 12.23
C LEU A 122 14.92 5.76 12.20
N LEU A 123 15.17 4.46 12.24
CA LEU A 123 14.06 3.49 12.21
C LEU A 123 13.24 3.61 13.48
N GLY A 124 11.93 3.66 13.32
CA GLY A 124 11.04 3.79 14.47
C GLY A 124 10.52 5.21 14.57
N ARG A 125 11.05 6.12 13.74
CA ARG A 125 10.62 7.51 13.75
C ARG A 125 9.47 7.80 12.79
N PHE A 126 9.47 7.13 11.64
CA PHE A 126 8.38 7.31 10.67
C PHE A 126 7.21 6.50 11.19
N VAL A 127 6.00 6.96 10.94
CA VAL A 127 4.82 6.21 11.37
C VAL A 127 4.27 5.43 10.17
N TYR A 128 4.14 4.12 10.34
CA TYR A 128 3.64 3.20 9.30
C TYR A 128 2.23 3.61 8.84
N ALA A 129 2.10 3.93 7.56
CA ALA A 129 0.82 4.42 7.02
C ALA A 129 -0.36 3.46 6.77
N VAL A 130 -0.95 2.97 7.84
CA VAL A 130 -2.12 2.12 7.72
C VAL A 130 -3.11 2.78 8.67
N PRO A 131 -3.95 3.71 8.15
CA PRO A 131 -4.92 4.40 9.00
C PRO A 131 -5.78 3.50 9.86
N GLU A 132 -6.20 2.36 9.33
CA GLU A 132 -7.04 1.43 10.05
C GLU A 132 -6.39 0.86 11.31
N LEU A 133 -5.08 1.04 11.44
CA LEU A 133 -4.35 0.53 12.59
C LEU A 133 -3.72 1.61 13.46
N TYR A 134 -3.15 2.63 12.83
CA TYR A 134 -2.44 3.66 13.57
C TYR A 134 -2.92 5.10 13.36
N ARG A 135 -4.23 5.29 13.24
CA ARG A 135 -4.76 6.62 13.01
C ARG A 135 -4.32 7.62 14.07
N GLU A 136 -4.40 7.22 15.33
CA GLU A 136 -4.02 8.10 16.42
C GLU A 136 -2.57 8.58 16.25
N ALA A 137 -1.65 7.66 16.04
CA ALA A 137 -0.24 8.03 15.87
C ALA A 137 -0.01 8.89 14.63
N LEU A 138 -0.80 8.63 13.58
CA LEU A 138 -0.64 9.40 12.35
C LEU A 138 -1.04 10.87 12.53
N LYS A 139 -1.96 11.13 13.45
CA LYS A 139 -2.39 12.49 13.69
C LYS A 139 -1.22 13.39 14.10
N GLY A 140 -0.23 12.80 14.75
CA GLY A 140 0.93 13.58 15.16
C GLY A 140 2.22 13.24 14.43
N ALA A 141 2.10 12.54 13.30
CA ALA A 141 3.27 12.15 12.52
C ALA A 141 3.70 13.10 11.42
N ASP A 142 4.93 13.61 11.53
CA ASP A 142 5.48 14.50 10.53
C ASP A 142 6.20 13.64 9.47
N TRP A 143 6.61 12.44 9.88
CA TRP A 143 7.29 11.50 8.98
C TRP A 143 6.41 10.27 8.85
N ILE A 144 5.83 10.10 7.67
CA ILE A 144 4.91 8.99 7.37
C ILE A 144 5.55 8.02 6.38
N ALA A 145 5.56 6.74 6.73
CA ALA A 145 6.12 5.72 5.86
C ALA A 145 5.03 4.88 5.22
N GLY A 146 4.91 4.97 3.90
CA GLY A 146 3.91 4.17 3.21
C GLY A 146 4.22 2.70 3.40
N ALA A 147 3.20 1.85 3.33
CA ALA A 147 3.38 0.42 3.51
C ALA A 147 3.44 -0.32 2.17
N GLY A 148 3.98 -1.52 2.17
CA GLY A 148 4.03 -2.30 0.93
C GLY A 148 2.60 -2.63 0.52
N CYS A 149 2.38 -2.83 -0.77
CA CYS A 149 1.03 -3.15 -1.26
C CYS A 149 0.53 -4.49 -0.73
N ASN A 150 1.34 -5.53 -0.83
CA ASN A 150 0.95 -6.83 -0.33
C ASN A 150 0.81 -6.79 1.18
N ALA A 151 1.66 -6.00 1.84
CA ALA A 151 1.63 -5.88 3.29
C ALA A 151 0.28 -5.28 3.71
N THR A 152 -0.14 -4.24 2.98
CA THR A 152 -1.41 -3.57 3.27
C THR A 152 -2.57 -4.55 3.20
N ALA A 153 -2.64 -5.29 2.09
CA ALA A 153 -3.70 -6.26 1.89
C ALA A 153 -3.69 -7.34 2.97
N THR A 154 -2.50 -7.85 3.27
CA THR A 154 -2.39 -8.90 4.28
C THR A 154 -2.76 -8.41 5.69
N LEU A 155 -2.26 -7.25 6.07
CA LEU A 155 -2.54 -6.69 7.39
C LEU A 155 -4.01 -6.37 7.59
N LEU A 156 -4.65 -5.80 6.58
CA LEU A 156 -6.05 -5.44 6.76
C LEU A 156 -6.93 -6.67 6.91
N GLY A 157 -6.62 -7.73 6.18
CA GLY A 157 -7.43 -8.92 6.28
C GLY A 157 -7.18 -9.72 7.55
N LEU A 158 -5.94 -9.75 8.03
CA LEU A 158 -5.59 -10.53 9.21
C LEU A 158 -5.67 -9.85 10.58
N TYR A 159 -5.32 -8.57 10.64
CA TYR A 159 -5.33 -7.86 11.91
C TYR A 159 -6.51 -8.13 12.85
N PRO A 160 -7.75 -7.90 12.39
CA PRO A 160 -8.92 -8.14 13.26
C PRO A 160 -8.98 -9.54 13.87
N LEU A 161 -8.61 -10.55 13.08
CA LEU A 161 -8.64 -11.93 13.53
C LEU A 161 -7.63 -12.19 14.65
N LEU A 162 -6.42 -11.67 14.49
CA LEU A 162 -5.40 -11.83 15.51
C LEU A 162 -5.68 -10.95 16.72
N LYS A 163 -6.23 -9.77 16.47
CA LYS A 163 -6.57 -8.84 17.54
C LYS A 163 -7.61 -9.45 18.47
N ALA A 164 -8.55 -10.20 17.92
CA ALA A 164 -9.61 -10.83 18.71
C ALA A 164 -9.30 -12.26 19.13
N GLY A 165 -8.13 -12.77 18.77
CA GLY A 165 -7.77 -14.13 19.14
C GLY A 165 -8.60 -15.18 18.42
N VAL A 166 -9.01 -14.88 17.18
CA VAL A 166 -9.85 -15.79 16.39
C VAL A 166 -9.11 -17.04 15.91
N LEU A 167 -7.82 -16.89 15.62
CA LEU A 167 -7.03 -17.97 15.05
C LEU A 167 -6.14 -18.80 15.96
N LYS A 168 -6.02 -20.07 15.60
CA LYS A 168 -5.14 -20.97 16.34
C LYS A 168 -3.74 -20.47 16.03
N PRO A 169 -2.76 -20.76 16.92
CA PRO A 169 -1.37 -20.32 16.74
C PRO A 169 -0.55 -20.95 15.59
N THR A 170 -1.15 -21.89 14.86
CA THR A 170 -0.45 -22.55 13.75
C THR A 170 -0.13 -21.56 12.62
N PRO A 171 0.86 -21.89 11.78
CA PRO A 171 1.26 -21.02 10.68
C PRO A 171 0.14 -20.55 9.77
N ILE A 172 0.21 -19.29 9.35
CA ILE A 172 -0.78 -18.73 8.45
C ILE A 172 -0.10 -18.63 7.09
N PHE A 173 -0.72 -19.22 6.07
CA PHE A 173 -0.13 -19.18 4.73
C PHE A 173 -0.85 -18.18 3.85
N VAL A 174 -0.11 -17.15 3.46
CA VAL A 174 -0.63 -16.08 2.62
C VAL A 174 -0.16 -16.22 1.17
N THR A 175 -1.11 -16.41 0.25
CA THR A 175 -0.80 -16.50 -1.16
C THR A 175 -1.44 -15.27 -1.79
N LEU A 176 -0.64 -14.46 -2.45
CA LEU A 176 -1.14 -13.25 -3.08
C LEU A 176 -1.06 -13.35 -4.59
N LEU A 177 -2.15 -12.98 -5.24
CA LEU A 177 -2.19 -12.94 -6.70
C LEU A 177 -1.93 -11.47 -6.96
N ILE A 178 -0.81 -11.16 -7.60
CA ILE A 178 -0.45 -9.78 -7.85
C ILE A 178 -0.44 -9.41 -9.32
N SER A 179 -0.12 -8.14 -9.59
CA SER A 179 -0.13 -7.60 -10.95
C SER A 179 1.24 -7.24 -11.46
N THR A 180 1.32 -6.81 -12.72
CA THR A 180 2.61 -6.45 -13.29
C THR A 180 3.05 -5.01 -12.96
N SER A 181 2.11 -4.14 -12.61
CA SER A 181 2.50 -2.77 -12.26
C SER A 181 3.23 -2.81 -10.92
N ALA A 182 3.02 -3.88 -10.16
CA ALA A 182 3.65 -4.03 -8.85
C ALA A 182 5.15 -4.13 -9.02
N GLY A 183 5.59 -4.49 -10.22
CA GLY A 183 7.01 -4.61 -10.50
C GLY A 183 7.65 -3.28 -10.86
N GLY A 184 6.84 -2.24 -11.03
CA GLY A 184 7.40 -0.95 -11.37
C GLY A 184 7.46 -0.62 -12.85
N ALA A 185 7.77 0.63 -13.13
CA ALA A 185 7.83 1.15 -14.49
C ALA A 185 9.09 0.79 -15.26
N GLU A 186 10.13 0.33 -14.57
CA GLU A 186 11.37 0.00 -15.26
C GLU A 186 11.29 -1.36 -15.95
N ALA A 187 11.64 -1.38 -17.23
CA ALA A 187 11.58 -2.61 -18.01
C ALA A 187 12.64 -3.63 -17.64
N SER A 188 12.37 -4.87 -18.03
CA SER A 188 13.25 -6.01 -17.82
C SER A 188 12.93 -6.97 -18.95
N PRO A 189 13.85 -7.87 -19.30
CA PRO A 189 13.56 -8.80 -20.39
C PRO A 189 12.29 -9.60 -20.16
N ALA A 190 12.04 -9.94 -18.90
CA ALA A 190 10.84 -10.69 -18.56
C ALA A 190 9.57 -9.85 -18.78
N SER A 191 9.69 -8.52 -18.80
CA SER A 191 8.50 -7.67 -18.96
C SER A 191 8.10 -7.31 -20.39
N HIS A 192 8.90 -7.69 -21.38
CA HIS A 192 8.55 -7.39 -22.78
C HIS A 192 7.14 -7.95 -22.98
N HIS A 193 6.22 -7.11 -23.44
CA HIS A 193 4.83 -7.55 -23.55
C HIS A 193 4.52 -8.91 -24.16
N PRO A 194 4.98 -9.18 -25.40
CA PRO A 194 4.65 -10.51 -25.94
C PRO A 194 5.23 -11.67 -25.14
N GLU A 195 6.33 -11.41 -24.44
CA GLU A 195 6.96 -12.42 -23.59
C GLU A 195 6.18 -12.61 -22.30
N ARG A 196 5.54 -11.54 -21.83
CA ARG A 196 4.84 -11.56 -20.54
C ARG A 196 3.34 -11.82 -20.51
N ALA A 197 2.62 -11.31 -21.50
CA ALA A 197 1.17 -11.46 -21.59
C ALA A 197 0.71 -12.91 -21.55
N GLY A 198 -0.30 -13.18 -20.74
CA GLY A 198 -0.83 -14.53 -20.62
C GLY A 198 -0.13 -15.39 -19.59
N SER A 199 1.09 -15.04 -19.22
CA SER A 199 1.83 -15.84 -18.25
C SER A 199 1.42 -15.63 -16.79
N ILE A 200 1.58 -16.68 -16.00
CA ILE A 200 1.37 -16.57 -14.56
C ILE A 200 2.80 -16.81 -14.08
N ARG A 201 3.43 -15.76 -13.53
CA ARG A 201 4.81 -15.86 -13.06
C ARG A 201 4.92 -16.00 -11.57
N VAL A 202 5.42 -17.15 -11.11
CA VAL A 202 5.61 -17.31 -9.68
C VAL A 202 6.69 -16.28 -9.57
N TYR A 203 6.45 -15.36 -8.66
CA TYR A 203 7.28 -14.20 -8.51
C TYR A 203 8.29 -14.19 -7.38
N LYS A 204 7.82 -14.48 -6.17
CA LYS A 204 8.66 -14.50 -4.98
C LYS A 204 7.94 -15.52 -4.13
N PRO A 205 8.23 -16.81 -4.36
CA PRO A 205 7.59 -17.90 -3.61
C PRO A 205 7.99 -17.96 -2.15
N THR A 206 9.20 -17.51 -1.84
CA THR A 206 9.65 -17.55 -0.46
C THR A 206 10.52 -16.32 -0.18
N GLY A 207 10.71 -16.02 1.09
CA GLY A 207 11.53 -14.90 1.50
C GLY A 207 11.07 -13.51 1.07
N HIS A 208 9.78 -13.35 0.81
CA HIS A 208 9.27 -12.04 0.39
C HIS A 208 9.53 -10.99 1.47
N ARG A 209 10.05 -9.84 1.06
CA ARG A 209 10.38 -8.77 1.99
C ARG A 209 9.18 -8.17 2.71
N HIS A 210 7.98 -8.34 2.18
CA HIS A 210 6.80 -7.80 2.84
C HIS A 210 6.45 -8.61 4.09
N THR A 211 7.05 -9.79 4.24
CA THR A 211 6.81 -10.63 5.40
C THR A 211 7.18 -9.85 6.68
N ALA A 212 8.30 -9.14 6.63
CA ALA A 212 8.79 -8.36 7.76
C ALA A 212 7.74 -7.37 8.25
N GLU A 213 7.17 -6.64 7.30
CA GLU A 213 6.14 -5.66 7.60
C GLU A 213 4.92 -6.32 8.21
N VAL A 214 4.57 -7.47 7.68
CA VAL A 214 3.40 -8.17 8.16
C VAL A 214 3.59 -8.62 9.60
N VAL A 215 4.74 -9.22 9.88
CA VAL A 215 5.04 -9.71 11.21
C VAL A 215 5.15 -8.60 12.26
N GLU A 216 5.78 -7.48 11.91
CA GLU A 216 5.92 -6.38 12.88
C GLU A 216 4.63 -5.66 13.21
N ASN A 217 3.61 -5.80 12.37
CA ASN A 217 2.38 -5.08 12.62
C ASN A 217 1.16 -5.91 12.94
N LEU A 218 1.39 -7.14 13.36
CA LEU A 218 0.31 -8.03 13.76
C LEU A 218 0.54 -8.34 15.22
N PRO A 219 -0.54 -8.39 16.01
CA PRO A 219 -0.37 -8.67 17.43
C PRO A 219 0.03 -10.10 17.79
N GLY A 220 0.82 -10.20 18.86
CA GLY A 220 1.23 -11.49 19.38
C GLY A 220 2.13 -12.49 18.69
N ARG A 221 3.17 -12.04 18.01
CA ARG A 221 4.14 -12.93 17.36
C ARG A 221 3.52 -14.14 16.62
N PRO A 222 2.76 -13.89 15.54
CA PRO A 222 2.15 -14.98 14.79
C PRO A 222 3.10 -15.47 13.70
N GLU A 223 3.02 -16.75 13.36
CA GLU A 223 3.86 -17.31 12.30
C GLU A 223 3.12 -17.05 11.00
N VAL A 224 3.71 -16.26 10.11
CA VAL A 224 3.05 -15.95 8.84
C VAL A 224 4.01 -16.15 7.66
N HIS A 225 3.53 -16.82 6.62
CA HIS A 225 4.34 -17.10 5.43
C HIS A 225 3.69 -16.53 4.17
N LEU A 226 4.51 -15.93 3.31
CA LEU A 226 4.01 -15.32 2.08
C LEU A 226 4.54 -15.94 0.79
N THR A 227 3.69 -15.95 -0.23
CA THR A 227 4.05 -16.44 -1.55
C THR A 227 3.34 -15.51 -2.53
N ALA A 228 4.10 -14.84 -3.39
CA ALA A 228 3.51 -13.92 -4.36
C ALA A 228 3.52 -14.52 -5.76
N ILE A 229 2.34 -14.59 -6.37
CA ILE A 229 2.18 -15.14 -7.72
C ILE A 229 1.63 -14.04 -8.60
N ALA A 230 2.36 -13.69 -9.65
CA ALA A 230 1.92 -12.63 -10.53
C ALA A 230 1.16 -13.15 -11.74
N THR A 231 -0.05 -12.64 -11.93
CA THR A 231 -0.86 -13.00 -13.10
C THR A 231 -0.47 -11.90 -14.09
N ASP A 232 -1.17 -11.75 -15.20
CA ASP A 232 -0.81 -10.69 -16.13
C ASP A 232 -1.71 -9.45 -16.04
N ARG A 233 -2.49 -9.33 -14.96
CA ARG A 233 -3.32 -8.13 -14.80
C ARG A 233 -2.33 -7.01 -14.51
N VAL A 234 -2.70 -5.79 -14.88
CA VAL A 234 -1.80 -4.65 -14.68
C VAL A 234 -1.86 -4.09 -13.25
N ARG A 235 -3.06 -4.06 -12.68
CA ARG A 235 -3.27 -3.57 -11.30
C ARG A 235 -4.06 -4.60 -10.52
N GLY A 236 -3.87 -4.59 -9.21
CA GLY A 236 -4.66 -5.46 -8.38
C GLY A 236 -3.94 -6.48 -7.54
N ILE A 237 -4.59 -6.80 -6.42
CA ILE A 237 -4.08 -7.81 -5.52
C ILE A 237 -5.25 -8.55 -4.88
N LEU A 238 -5.16 -9.86 -4.89
CA LEU A 238 -6.16 -10.65 -4.17
C LEU A 238 -5.30 -11.40 -3.16
N MSE A 239 -5.47 -11.04 -1.89
CA MSE A 239 -4.72 -11.67 -0.82
C MSE A 239 -5.58 -12.81 -0.27
O MSE A 239 -6.75 -12.60 0.03
CB MSE A 239 -4.46 -10.64 0.30
CG MSE A 239 -3.50 -11.06 1.42
SE MSE A 239 -4.27 -12.31 2.71
CE MSE A 239 -5.77 -11.22 3.37
N THR A 240 -5.04 -14.02 -0.21
CA THR A 240 -5.79 -15.13 0.37
C THR A 240 -4.90 -15.70 1.48
N ALA A 241 -5.50 -16.06 2.61
CA ALA A 241 -4.74 -16.62 3.73
C ALA A 241 -5.40 -17.88 4.27
N GLN A 242 -4.57 -18.88 4.52
CA GLN A 242 -5.05 -20.16 5.05
C GLN A 242 -4.69 -20.21 6.52
N CYS A 243 -5.67 -20.52 7.36
CA CYS A 243 -5.43 -20.63 8.79
C CYS A 243 -6.60 -21.38 9.41
N PHE A 244 -6.62 -21.49 10.74
CA PHE A 244 -7.70 -22.21 11.43
C PHE A 244 -8.26 -21.38 12.58
N VAL A 245 -9.57 -21.45 12.80
CA VAL A 245 -10.17 -20.69 13.90
C VAL A 245 -10.12 -21.54 15.17
N GLN A 246 -10.00 -20.87 16.32
CA GLN A 246 -9.99 -21.57 17.59
C GLN A 246 -11.38 -22.19 17.69
N ASP A 247 -11.55 -23.23 18.50
CA ASP A 247 -12.86 -23.84 18.62
C ASP A 247 -13.90 -22.87 19.18
N GLY A 248 -15.14 -23.02 18.74
CA GLY A 248 -16.22 -22.18 19.21
C GLY A 248 -16.58 -21.04 18.28
N TRP A 249 -15.64 -20.63 17.43
CA TRP A 249 -15.88 -19.53 16.51
C TRP A 249 -16.76 -19.86 15.32
N SER A 250 -17.88 -19.16 15.25
CA SER A 250 -18.80 -19.35 14.14
C SER A 250 -18.53 -18.23 13.15
N GLU A 251 -19.21 -18.29 12.02
CA GLU A 251 -19.07 -17.28 11.00
C GLU A 251 -19.52 -15.91 11.51
N ARG A 252 -20.64 -15.89 12.24
CA ARG A 252 -21.15 -14.66 12.87
C ARG A 252 -20.12 -14.03 13.77
N ASP A 253 -19.43 -14.86 14.53
CA ASP A 253 -18.41 -14.36 15.45
C ASP A 253 -17.27 -13.71 14.69
N VAL A 254 -16.82 -14.36 13.62
CA VAL A 254 -15.74 -13.81 12.83
C VAL A 254 -16.09 -12.46 12.21
N TRP A 255 -17.32 -12.31 11.73
CA TRP A 255 -17.74 -11.02 11.16
C TRP A 255 -17.74 -9.96 12.25
N GLN A 256 -18.15 -10.36 13.45
CA GLN A 256 -18.21 -9.43 14.56
C GLN A 256 -16.81 -8.91 14.87
N ALA A 257 -15.83 -9.80 14.73
CA ALA A 257 -14.44 -9.42 14.97
C ALA A 257 -14.04 -8.31 14.00
N TYR A 258 -14.48 -8.42 12.75
CA TYR A 258 -14.18 -7.42 11.74
C TYR A 258 -14.99 -6.16 12.00
N ARG A 259 -16.28 -6.31 12.27
CA ARG A 259 -17.12 -5.14 12.54
C ARG A 259 -16.49 -4.33 13.69
N GLU A 260 -16.01 -5.03 14.71
CA GLU A 260 -15.40 -4.38 15.87
C GLU A 260 -14.13 -3.61 15.56
N ALA A 261 -13.23 -4.25 14.82
CA ALA A 261 -11.97 -3.62 14.50
C ALA A 261 -12.12 -2.49 13.49
N TYR A 262 -13.04 -2.64 12.54
CA TYR A 262 -13.18 -1.64 11.49
C TYR A 262 -14.45 -0.81 11.45
N ALA A 263 -15.21 -0.79 12.54
CA ALA A 263 -16.45 -0.02 12.56
C ALA A 263 -16.16 1.43 12.16
N GLY A 264 -16.92 1.94 11.20
CA GLY A 264 -16.73 3.31 10.76
C GLY A 264 -15.58 3.59 9.79
N GLU A 265 -14.76 2.58 9.51
CA GLU A 265 -13.64 2.81 8.57
C GLU A 265 -14.20 3.23 7.22
N PRO A 266 -13.74 4.38 6.69
CA PRO A 266 -14.26 4.83 5.40
C PRO A 266 -13.83 3.98 4.20
N PHE A 267 -12.71 3.28 4.32
CA PHE A 267 -12.24 2.52 3.18
C PHE A 267 -12.16 1.01 3.32
N ILE A 268 -12.93 0.48 4.25
CA ILE A 268 -12.99 -0.97 4.44
C ILE A 268 -14.40 -1.38 4.07
N ARG A 269 -14.53 -2.39 3.22
CA ARG A 269 -15.84 -2.89 2.85
C ARG A 269 -15.85 -4.37 3.12
N LEU A 270 -16.74 -4.81 4.01
CA LEU A 270 -16.82 -6.22 4.32
C LEU A 270 -17.77 -6.81 3.30
N VAL A 271 -17.28 -7.76 2.51
CA VAL A 271 -18.11 -8.37 1.50
C VAL A 271 -18.81 -9.57 2.08
N LYS A 272 -19.99 -9.30 2.64
CA LYS A 272 -20.88 -10.30 3.22
C LYS A 272 -22.00 -10.49 2.20
N GLN A 273 -21.84 -11.47 1.31
CA GLN A 273 -22.88 -11.76 0.30
C GLN A 273 -23.13 -13.25 0.15
N LYS A 274 -24.35 -13.66 0.50
CA LYS A 274 -24.75 -15.07 0.43
C LYS A 274 -25.13 -15.43 -0.99
N LYS A 275 -25.75 -14.50 -1.68
CA LYS A 275 -26.18 -14.78 -3.04
C LYS A 275 -25.74 -13.72 -4.02
N GLY A 276 -25.93 -14.01 -5.30
CA GLY A 276 -25.56 -13.08 -6.33
C GLY A 276 -24.27 -13.45 -7.04
N VAL A 277 -23.92 -12.69 -8.07
CA VAL A 277 -22.72 -12.95 -8.84
C VAL A 277 -21.40 -12.58 -8.16
N HIS A 278 -21.37 -11.44 -7.48
CA HIS A 278 -20.17 -10.93 -6.83
C HIS A 278 -20.19 -11.07 -5.31
N ARG A 279 -19.80 -12.26 -4.84
CA ARG A 279 -19.81 -12.60 -3.42
C ARG A 279 -18.50 -12.54 -2.66
N TYR A 280 -17.39 -12.36 -3.37
CA TYR A 280 -16.08 -12.33 -2.73
C TYR A 280 -15.24 -11.14 -3.18
N PRO A 281 -14.23 -10.75 -2.37
CA PRO A 281 -13.40 -9.62 -2.77
C PRO A 281 -12.87 -9.95 -4.16
N ASP A 282 -12.86 -8.94 -5.04
CA ASP A 282 -12.40 -9.09 -6.42
C ASP A 282 -11.64 -7.81 -6.76
N PRO A 283 -10.33 -7.90 -6.99
CA PRO A 283 -9.50 -6.73 -7.30
C PRO A 283 -9.97 -5.91 -8.49
N ARG A 284 -10.67 -6.56 -9.42
CA ARG A 284 -11.12 -5.84 -10.60
C ARG A 284 -12.04 -4.68 -10.25
N PHE A 285 -12.94 -4.88 -9.29
CA PHE A 285 -13.87 -3.82 -8.94
C PHE A 285 -13.32 -2.70 -8.06
N VAL A 286 -12.20 -2.94 -7.38
CA VAL A 286 -11.61 -1.88 -6.56
C VAL A 286 -10.49 -1.15 -7.31
N GLN A 287 -10.29 -1.52 -8.57
CA GLN A 287 -9.27 -0.89 -9.40
C GLN A 287 -9.53 0.62 -9.47
N GLY A 288 -8.49 1.41 -9.25
CA GLY A 288 -8.65 2.86 -9.29
C GLY A 288 -9.23 3.42 -8.00
N THR A 289 -9.61 2.56 -7.06
CA THR A 289 -10.20 3.01 -5.80
C THR A 289 -9.26 2.83 -4.60
N ASN A 290 -9.67 3.42 -3.47
CA ASN A 290 -8.89 3.31 -2.25
C ASN A 290 -9.52 2.33 -1.26
N TYR A 291 -10.45 1.51 -1.74
CA TYR A 291 -11.12 0.53 -0.88
C TYR A 291 -10.34 -0.77 -0.71
N ALA A 292 -10.54 -1.41 0.44
CA ALA A 292 -9.97 -2.73 0.73
C ALA A 292 -11.23 -3.57 0.98
N ASP A 293 -11.51 -4.49 0.06
CA ASP A 293 -12.69 -5.35 0.20
C ASP A 293 -12.27 -6.62 0.92
N ILE A 294 -12.99 -6.93 2.00
CA ILE A 294 -12.65 -8.07 2.84
C ILE A 294 -13.74 -9.10 3.01
N GLY A 295 -13.36 -10.38 2.94
CA GLY A 295 -14.32 -11.45 3.08
C GLY A 295 -13.62 -12.71 3.57
N PHE A 296 -14.36 -13.78 3.77
CA PHE A 296 -13.76 -15.02 4.22
C PHE A 296 -14.77 -16.14 4.11
N GLU A 297 -14.29 -17.37 4.21
CA GLU A 297 -15.17 -18.51 4.19
C GLU A 297 -14.63 -19.47 5.23
N LEU A 298 -15.52 -19.94 6.11
CA LEU A 298 -15.10 -20.86 7.15
C LEU A 298 -15.52 -22.28 6.80
N GLU A 299 -14.54 -23.17 6.72
CA GLU A 299 -14.80 -24.58 6.41
C GLU A 299 -15.27 -25.19 7.74
N GLU A 300 -16.58 -25.39 7.85
CA GLU A 300 -17.21 -25.93 9.06
C GLU A 300 -16.57 -27.14 9.76
N ASP A 301 -16.46 -28.26 9.05
CA ASP A 301 -15.93 -29.47 9.64
C ASP A 301 -14.43 -29.52 9.95
N THR A 302 -13.67 -28.59 9.41
CA THR A 302 -12.24 -28.57 9.64
C THR A 302 -11.79 -27.39 10.48
N GLY A 303 -12.62 -26.34 10.50
CA GLY A 303 -12.24 -25.16 11.23
C GLY A 303 -11.32 -24.30 10.37
N ARG A 304 -11.06 -24.75 9.14
CA ARG A 304 -10.18 -23.98 8.25
C ARG A 304 -10.84 -22.68 7.82
N LEU A 305 -10.11 -21.59 7.92
CA LEU A 305 -10.65 -20.29 7.53
C LEU A 305 -9.84 -19.75 6.37
N VAL A 306 -10.53 -19.33 5.31
CA VAL A 306 -9.85 -18.76 4.15
C VAL A 306 -10.19 -17.27 4.13
N VAL A 307 -9.20 -16.44 4.39
CA VAL A 307 -9.37 -15.00 4.44
C VAL A 307 -9.02 -14.40 3.08
N MSE A 308 -9.77 -13.38 2.69
CA MSE A 308 -9.56 -12.73 1.40
C MSE A 308 -9.64 -11.22 1.50
O MSE A 308 -10.50 -10.67 2.18
CB MSE A 308 -10.64 -13.20 0.43
CG MSE A 308 -10.70 -14.71 0.31
SE MSE A 308 -12.37 -15.25 -0.47
CE MSE A 308 -13.34 -15.67 1.14
N THR A 309 -8.73 -10.56 0.80
CA THR A 309 -8.70 -9.11 0.75
C THR A 309 -8.24 -8.68 -0.64
N ALA A 310 -8.98 -7.73 -1.24
CA ALA A 310 -8.63 -7.22 -2.56
C ALA A 310 -8.47 -5.71 -2.51
N ILE A 311 -7.44 -5.21 -3.19
CA ILE A 311 -7.16 -3.78 -3.26
C ILE A 311 -6.45 -3.54 -4.58
N ASP A 312 -6.40 -2.27 -4.97
CA ASP A 312 -5.67 -1.82 -6.16
C ASP A 312 -4.30 -1.58 -5.51
N ASN A 313 -3.26 -2.22 -6.05
CA ASN A 313 -1.92 -2.13 -5.50
C ASN A 313 -1.32 -0.74 -5.54
N LEU A 314 -1.71 0.05 -6.53
CA LEU A 314 -1.17 1.41 -6.65
C LEU A 314 -1.94 2.48 -5.87
N VAL A 315 -3.21 2.21 -5.58
CA VAL A 315 -4.01 3.17 -4.85
C VAL A 315 -4.04 2.75 -3.38
N LYS A 316 -5.02 1.95 -2.97
CA LYS A 316 -5.08 1.55 -1.55
C LYS A 316 -3.79 0.88 -1.11
N GLY A 317 -3.13 0.21 -2.03
CA GLY A 317 -1.88 -0.47 -1.70
C GLY A 317 -0.65 0.41 -1.73
N THR A 318 -0.76 1.64 -2.22
CA THR A 318 0.39 2.52 -2.29
C THR A 318 0.08 4.01 -2.06
N ALA A 319 -0.22 4.73 -3.14
CA ALA A 319 -0.48 6.17 -3.05
C ALA A 319 -1.75 6.58 -2.33
N GLY A 320 -2.77 5.74 -2.44
CA GLY A 320 -4.04 6.03 -1.80
C GLY A 320 -3.97 5.99 -0.29
N HIS A 321 -3.38 4.94 0.27
CA HIS A 321 -3.32 4.88 1.71
C HIS A 321 -2.34 5.95 2.23
N ALA A 322 -1.36 6.32 1.43
CA ALA A 322 -0.39 7.34 1.84
C ALA A 322 -1.10 8.68 1.95
N LEU A 323 -1.97 8.95 0.99
CA LEU A 323 -2.72 10.20 1.00
C LEU A 323 -3.73 10.18 2.12
N GLN A 324 -4.36 9.03 2.33
CA GLN A 324 -5.35 8.90 3.38
C GLN A 324 -4.69 9.24 4.71
N ALA A 325 -3.49 8.71 4.91
CA ALA A 325 -2.71 8.95 6.11
C ALA A 325 -2.31 10.44 6.22
N LEU A 326 -2.05 11.05 5.07
CA LEU A 326 -1.69 12.47 5.05
C LEU A 326 -2.91 13.29 5.42
N ASN A 327 -4.09 12.82 5.04
CA ASN A 327 -5.32 13.53 5.37
C ASN A 327 -5.52 13.51 6.88
N VAL A 328 -5.18 12.37 7.50
CA VAL A 328 -5.30 12.24 8.95
C VAL A 328 -4.35 13.20 9.65
N ARG A 329 -3.09 13.18 9.25
CA ARG A 329 -2.09 14.06 9.84
C ARG A 329 -2.47 15.53 9.72
N MSE A 330 -3.01 15.92 8.57
CA MSE A 330 -3.38 17.30 8.31
C MSE A 330 -4.75 17.71 8.86
O MSE A 330 -5.16 18.85 8.74
CB MSE A 330 -3.35 17.55 6.80
CG MSE A 330 -1.96 17.42 6.20
SE MSE A 330 -0.82 18.85 6.77
CE MSE A 330 0.80 17.91 7.17
N GLY A 331 -5.45 16.76 9.48
CA GLY A 331 -6.75 17.05 10.04
C GLY A 331 -7.85 17.22 9.00
N TRP A 332 -7.62 16.72 7.79
CA TRP A 332 -8.64 16.84 6.74
C TRP A 332 -9.46 15.57 6.65
N PRO A 333 -10.68 15.66 6.09
CA PRO A 333 -11.54 14.49 5.96
C PRO A 333 -10.75 13.39 5.24
N GLU A 334 -10.73 12.20 5.81
CA GLU A 334 -9.95 11.10 5.23
C GLU A 334 -10.25 10.72 3.79
N THR A 335 -11.49 10.89 3.37
CA THR A 335 -11.88 10.53 2.01
C THR A 335 -11.52 11.58 0.96
N LEU A 336 -10.96 12.72 1.39
CA LEU A 336 -10.63 13.79 0.46
C LEU A 336 -9.62 13.37 -0.61
N GLY A 337 -10.06 13.44 -1.86
CA GLY A 337 -9.22 13.09 -3.00
C GLY A 337 -9.19 11.59 -3.26
N LEU A 338 -9.94 10.84 -2.45
CA LEU A 338 -9.98 9.39 -2.53
C LEU A 338 -11.39 8.81 -2.65
N ASP A 339 -12.32 9.58 -3.20
CA ASP A 339 -13.70 9.11 -3.28
C ASP A 339 -14.16 8.38 -4.54
N PHE A 340 -13.24 8.07 -5.46
CA PHE A 340 -13.63 7.37 -6.68
C PHE A 340 -14.19 5.98 -6.33
N PRO A 341 -15.42 5.67 -6.77
CA PRO A 341 -16.10 4.40 -6.50
C PRO A 341 -15.70 3.18 -7.32
N GLY A 342 -14.98 3.39 -8.42
CA GLY A 342 -14.60 2.26 -9.25
C GLY A 342 -15.66 2.05 -10.32
N LEU A 343 -15.37 1.16 -11.28
CA LEU A 343 -16.31 0.92 -12.36
C LEU A 343 -16.91 -0.48 -12.44
N HIS A 344 -18.06 -0.56 -13.09
CA HIS A 344 -18.75 -1.81 -13.37
C HIS A 344 -19.66 -1.55 -14.57
N PRO A 345 -19.48 -2.32 -15.67
CA PRO A 345 -18.51 -3.40 -15.84
C PRO A 345 -17.09 -2.85 -16.07
S SO4 B . 6.61 -1.72 -2.20
O1 SO4 B . 7.30 -2.34 -1.06
O2 SO4 B . 6.69 -0.26 -2.12
O3 SO4 B . 7.26 -2.18 -3.44
O4 SO4 B . 5.17 -2.11 -2.21
S SO4 C . 13.90 9.50 -13.06
O1 SO4 C . 13.68 10.05 -11.70
O2 SO4 C . 15.04 10.19 -13.69
O3 SO4 C . 14.22 8.06 -12.96
O4 SO4 C . 12.69 9.69 -13.87
N1 AZI D . -9.73 3.42 15.28
N2 AZI D . -9.85 4.70 15.11
N3 AZI D . -8.81 5.47 15.20
N1 AZI E . 6.77 2.61 -8.80
N2 AZI E . 7.84 2.67 -9.56
N3 AZI E . 7.76 2.55 -10.85
N1 AZI F . 15.56 -13.34 2.99
N2 AZI F . 15.11 -14.28 3.74
N3 AZI F . 14.76 -14.04 4.95
N1 AZI G . 9.18 12.28 13.94
N2 AZI G . 9.74 13.41 13.58
N3 AZI G . 10.64 13.95 14.35
N1 AZI H . 8.81 -6.10 -6.22
N2 AZI H . 8.97 -6.56 -5.01
N3 AZI H . 9.50 -7.72 -4.82
N1 AZI I . -0.99 16.66 -26.26
N2 AZI I . 0.12 17.21 -26.69
N3 AZI I . 1.26 16.66 -26.39
N1 AZI J . -16.66 -16.14 20.74
N2 AZI J . -16.32 -17.32 20.34
N3 AZI J . -15.63 -18.09 21.12
#